data_5LXU
#
_entry.id   5LXU
#
_cell.length_a   42.160
_cell.length_b   32.830
_cell.length_c   53.760
_cell.angle_alpha   90.000
_cell.angle_beta   98.610
_cell.angle_gamma   90.000
#
_symmetry.space_group_name_H-M   'P 1 2 1'
#
loop_
_entity.id
_entity.type
_entity.pdbx_description
1 polymer 'Transcription factor LUX'
2 polymer "DNA (5'-D(*AP*TP*GP*CP*GP*TP*AP*TP*CP*TP*TP*AP*GP*AP*TP*AP*CP*GP*CP*A)-3')"
3 polymer "DNA (5'-D(*AP*TP*GP*CP*GP*TP*AP*TP*CP*TP*TP*AP*GP*AP*TP*AP*CP*GP*CP*A)-3')"
4 water water
#
loop_
_entity_poly.entity_id
_entity_poly.type
_entity_poly.pdbx_seq_one_letter_code
_entity_poly.pdbx_strand_id
1 'polypeptide(L)' RPRLVWTPQLHKRFVDVVAHLGIKNAVPKTI(MSE)QL(MSE)NVEGLTRENVASHLQKYRLYLK A
2 'polydeoxyribonucleotide' (DA)(DT)(DG)(DC)(DG)(DT)(DA)(DT)(DC)(DT) U
3 'polydeoxyribonucleotide' (DT)(DA)(DG)(DA)(DT)(DA)(DC)(DG)(DC)(DA) B
#
# COMPACT_ATOMS: atom_id res chain seq x y z
N ARG A 1 2.97 18.03 -3.05
CA ARG A 1 1.64 18.50 -3.42
C ARG A 1 1.01 17.70 -4.59
N PRO A 2 1.69 17.45 -5.75
CA PRO A 2 1.04 16.65 -6.81
C PRO A 2 0.70 15.24 -6.33
N ARG A 3 -0.31 14.60 -6.97
CA ARG A 3 -0.75 13.25 -6.62
C ARG A 3 0.40 12.25 -6.62
N LEU A 4 0.34 11.28 -5.71
CA LEU A 4 1.38 10.25 -5.57
C LEU A 4 1.36 9.29 -6.75
N VAL A 5 2.53 9.05 -7.33
CA VAL A 5 2.66 8.11 -8.44
C VAL A 5 3.19 6.79 -7.85
N TRP A 6 2.41 5.72 -8.01
CA TRP A 6 2.80 4.39 -7.55
C TRP A 6 3.73 3.80 -8.60
N THR A 7 5.04 4.03 -8.42
CA THR A 7 6.11 3.54 -9.29
C THR A 7 6.20 2.01 -9.15
N PRO A 8 6.74 1.25 -10.16
CA PRO A 8 6.88 -0.21 -9.98
C PRO A 8 7.61 -0.60 -8.69
N GLN A 9 8.60 0.23 -8.26
CA GLN A 9 9.41 0.04 -7.04
C GLN A 9 8.58 0.24 -5.76
N LEU A 10 7.70 1.26 -5.74
CA LEU A 10 6.85 1.56 -4.59
C LEU A 10 5.75 0.50 -4.44
N HIS A 11 5.18 0.05 -5.58
CA HIS A 11 4.14 -0.98 -5.62
C HIS A 11 4.72 -2.33 -5.17
N LYS A 12 5.97 -2.63 -5.57
CA LYS A 12 6.69 -3.85 -5.18
C LYS A 12 6.85 -3.89 -3.65
N ARG A 13 7.26 -2.75 -3.01
CA ARG A 13 7.42 -2.67 -1.56
C ARG A 13 6.06 -2.86 -0.86
N PHE A 14 4.96 -2.35 -1.49
CA PHE A 14 3.60 -2.52 -0.99
C PHE A 14 3.22 -4.01 -1.05
N VAL A 15 3.44 -4.66 -2.21
CA VAL A 15 3.17 -6.08 -2.46
C VAL A 15 3.91 -6.96 -1.46
N ASP A 16 5.20 -6.68 -1.22
CA ASP A 16 6.05 -7.42 -0.29
C ASP A 16 5.55 -7.29 1.15
N VAL A 17 5.12 -6.07 1.55
CA VAL A 17 4.58 -5.81 2.89
C VAL A 17 3.22 -6.50 3.08
N VAL A 18 2.35 -6.44 2.05
CA VAL A 18 1.04 -7.09 2.03
C VAL A 18 1.22 -8.64 2.08
N ALA A 19 2.29 -9.16 1.45
CA ALA A 19 2.62 -10.60 1.46
C ALA A 19 3.20 -10.99 2.83
N HIS A 20 4.05 -10.11 3.44
CA HIS A 20 4.65 -10.34 4.76
C HIS A 20 3.56 -10.47 5.82
N LEU A 21 2.65 -9.49 5.89
CA LEU A 21 1.51 -9.50 6.80
C LEU A 21 0.49 -10.39 6.11
N GLY A 22 -0.44 -10.97 6.86
CA GLY A 22 -1.46 -11.73 6.18
C GLY A 22 -2.58 -10.79 5.75
N ILE A 23 -3.66 -11.33 5.18
CA ILE A 23 -4.83 -10.55 4.77
C ILE A 23 -5.42 -9.81 6.00
N LYS A 24 -5.49 -10.47 7.17
CA LYS A 24 -6.01 -9.92 8.42
C LYS A 24 -5.24 -8.67 8.89
N ASN A 25 -3.91 -8.77 8.94
CA ASN A 25 -3.05 -7.68 9.42
C ASN A 25 -2.63 -6.67 8.35
N ALA A 26 -2.90 -6.96 7.04
CA ALA A 26 -2.58 -6.01 5.97
C ALA A 26 -3.65 -4.92 5.90
N VAL A 27 -3.60 -4.01 6.87
CA VAL A 27 -4.47 -2.84 6.99
C VAL A 27 -3.61 -1.59 6.73
N PRO A 28 -4.17 -0.50 6.14
CA PRO A 28 -3.34 0.64 5.71
C PRO A 28 -2.30 1.19 6.67
N LYS A 29 -2.60 1.33 7.98
CA LYS A 29 -1.62 1.86 8.95
C LYS A 29 -0.43 0.92 9.13
N THR A 30 -0.68 -0.40 9.28
CA THR A 30 0.39 -1.40 9.45
C THR A 30 1.25 -1.50 8.16
N ILE A 31 0.61 -1.43 6.97
CA ILE A 31 1.31 -1.45 5.68
C ILE A 31 2.26 -0.25 5.61
N GLN A 33 3.49 1.75 8.05
CA GLN A 33 4.55 1.60 9.06
C GLN A 33 5.68 0.69 8.60
N LEU A 34 5.34 -0.46 8.00
CA LEU A 34 6.31 -1.45 7.50
C LEU A 34 7.01 -1.02 6.21
N ASN A 36 7.86 1.95 5.28
CA ASN A 36 8.87 2.93 5.74
C ASN A 36 9.30 3.88 4.61
N VAL A 37 8.30 4.53 3.97
CA VAL A 37 8.52 5.49 2.89
C VAL A 37 8.15 6.88 3.41
N GLU A 38 9.10 7.82 3.32
CA GLU A 38 8.95 9.21 3.77
C GLU A 38 7.88 9.95 2.98
N GLY A 39 6.93 10.54 3.70
CA GLY A 39 5.83 11.32 3.13
C GLY A 39 4.63 10.52 2.68
N LEU A 40 4.73 9.17 2.71
CA LEU A 40 3.65 8.26 2.33
C LEU A 40 2.65 8.22 3.50
N THR A 41 1.38 8.60 3.23
CA THR A 41 0.32 8.69 4.25
C THR A 41 -0.55 7.43 4.30
N ARG A 42 -1.37 7.31 5.38
CA ARG A 42 -2.30 6.20 5.56
C ARG A 42 -3.33 6.18 4.41
N GLU A 43 -3.76 7.38 3.97
CA GLU A 43 -4.71 7.61 2.88
C GLU A 43 -4.14 7.17 1.52
N ASN A 44 -2.82 7.38 1.28
CA ASN A 44 -2.16 6.95 0.04
C ASN A 44 -2.23 5.42 -0.02
N VAL A 45 -1.86 4.75 1.07
CA VAL A 45 -1.86 3.29 1.23
C VAL A 45 -3.30 2.73 1.13
N ALA A 46 -4.25 3.36 1.83
CA ALA A 46 -5.68 2.98 1.87
C ALA A 46 -6.29 2.96 0.47
N SER A 47 -6.02 4.04 -0.34
CA SER A 47 -6.52 4.16 -1.71
CA SER A 47 -6.52 4.16 -1.71
C SER A 47 -5.93 3.07 -2.60
N HIS A 48 -4.62 2.80 -2.44
CA HIS A 48 -3.90 1.79 -3.20
C HIS A 48 -4.36 0.38 -2.86
N LEU A 49 -4.58 0.09 -1.56
CA LEU A 49 -5.07 -1.19 -1.06
C LEU A 49 -6.47 -1.50 -1.61
N GLN A 50 -7.34 -0.47 -1.71
CA GLN A 50 -8.69 -0.62 -2.26
C GLN A 50 -8.62 -1.11 -3.70
N LYS A 51 -7.81 -0.43 -4.53
CA LYS A 51 -7.61 -0.79 -5.93
C LYS A 51 -6.94 -2.16 -6.06
N TYR A 52 -6.00 -2.48 -5.14
CA TYR A 52 -5.29 -3.76 -5.10
C TYR A 52 -6.25 -4.93 -4.86
N ARG A 53 -7.18 -4.78 -3.89
CA ARG A 53 -8.19 -5.78 -3.53
C ARG A 53 -9.17 -6.00 -4.69
N LEU A 54 -9.54 -4.92 -5.43
CA LEU A 54 -10.45 -5.01 -6.60
C LEU A 54 -9.79 -5.77 -7.76
N TYR A 55 -8.45 -5.61 -7.91
CA TYR A 55 -7.63 -6.25 -8.93
C TYR A 55 -7.45 -7.77 -8.67
N LEU A 56 -7.39 -8.19 -7.39
CA LEU A 56 -7.24 -9.59 -6.98
C LEU A 56 -8.53 -10.40 -7.10
N LYS A 57 -9.70 -9.73 -7.15
CA LYS A 57 -11.01 -10.36 -7.28
C LYS A 57 -11.25 -10.90 -8.69
#